data_2Y78
#
_entry.id   2Y78
#
_cell.length_a   54.677
_cell.length_b   54.677
_cell.length_c   119.172
_cell.angle_alpha   90.00
_cell.angle_beta   90.00
_cell.angle_gamma   90.00
#
_symmetry.space_group_name_H-M   'P 43 21 2'
#
loop_
_entity.id
_entity.type
_entity.pdbx_description
1 polymer 'PEPTIDYL-PROLYL CIS-TRANS ISOMERASE'
2 non-polymer 'SULFATE ION'
3 non-polymer GLYCEROL
4 non-polymer 'CHLORIDE ION'
5 water water
#
_entity_poly.entity_id   1
_entity_poly.type   'polypeptide(L)'
_entity_poly.pdbx_seq_one_letter_code
;MGSSHHHHHHSSGLVPRGSHMTVVTTESGLKYEDLTEGSGAEARAGQTVSVHYTGWLTDGQKFDSSKDRNDPFAFVLGGG
MVIKGWDEGVQGMKVGGVRRLTIPPQLGYGARGAGGVIPPNATLVFEVELLDV
;
_entity_poly.pdbx_strand_id   A
#
loop_
_chem_comp.id
_chem_comp.type
_chem_comp.name
_chem_comp.formula
CL non-polymer 'CHLORIDE ION' 'Cl -1'
GOL non-polymer GLYCEROL 'C3 H8 O3'
SO4 non-polymer 'SULFATE ION' 'O4 S -2'
#
# COMPACT_ATOMS: atom_id res chain seq x y z
N SER A 12 0.69 -19.68 -8.82
CA SER A 12 -0.39 -20.33 -8.03
C SER A 12 0.12 -21.03 -6.75
N GLY A 13 -0.62 -22.02 -6.29
CA GLY A 13 -0.31 -22.61 -5.04
C GLY A 13 -1.19 -22.15 -3.90
N LEU A 14 -1.23 -22.96 -2.89
CA LEU A 14 -2.07 -22.80 -1.73
CA LEU A 14 -2.06 -22.78 -1.72
C LEU A 14 -1.40 -21.92 -0.65
N VAL A 15 -0.22 -22.33 -0.18
CA VAL A 15 0.45 -21.64 0.91
C VAL A 15 0.64 -20.13 0.63
N PRO A 16 0.95 -19.72 -0.61
CA PRO A 16 1.13 -18.29 -0.84
C PRO A 16 -0.10 -17.44 -0.60
N ARG A 17 -1.29 -18.03 -0.55
CA ARG A 17 -2.52 -17.29 -0.33
C ARG A 17 -2.78 -16.96 1.12
N GLY A 18 -1.88 -17.32 2.04
CA GLY A 18 -1.95 -16.82 3.38
C GLY A 18 -2.75 -17.69 4.31
N SER A 19 -2.73 -17.30 5.57
CA SER A 19 -3.32 -18.09 6.63
C SER A 19 -4.83 -18.24 6.48
N HIS A 20 -5.51 -17.30 5.81
CA HIS A 20 -6.95 -17.28 5.62
C HIS A 20 -7.35 -17.31 4.14
N MET A 21 -6.40 -17.59 3.26
CA MET A 21 -6.65 -17.66 1.83
C MET A 21 -7.06 -16.31 1.24
N THR A 22 -6.60 -15.22 1.84
CA THR A 22 -6.98 -13.86 1.46
C THR A 22 -5.81 -13.01 0.95
N VAL A 23 -4.61 -13.57 0.88
CA VAL A 23 -3.47 -12.81 0.34
C VAL A 23 -3.44 -12.97 -1.16
N VAL A 24 -3.44 -11.85 -1.87
CA VAL A 24 -3.35 -11.82 -3.31
C VAL A 24 -1.93 -11.49 -3.70
N THR A 25 -1.35 -12.24 -4.64
CA THR A 25 -0.06 -11.93 -5.23
C THR A 25 -0.28 -11.56 -6.69
N THR A 26 0.23 -10.41 -7.10
CA THR A 26 0.07 -9.99 -8.49
C THR A 26 1.29 -10.41 -9.30
N GLU A 27 1.21 -10.21 -10.62
CA GLU A 27 2.31 -10.56 -11.52
CA GLU A 27 2.30 -10.56 -11.52
CA GLU A 27 2.32 -10.59 -11.49
C GLU A 27 3.61 -9.84 -11.18
N SER A 28 3.50 -8.64 -10.60
CA SER A 28 4.69 -7.86 -10.25
C SER A 28 5.37 -8.34 -8.97
N GLY A 29 4.70 -9.19 -8.20
CA GLY A 29 5.19 -9.63 -6.90
C GLY A 29 4.62 -8.83 -5.73
N LEU A 30 3.85 -7.80 -6.01
CA LEU A 30 3.09 -7.16 -4.96
C LEU A 30 2.18 -8.19 -4.29
N LYS A 31 2.05 -8.07 -2.97
CA LYS A 31 1.02 -8.82 -2.25
C LYS A 31 0.10 -7.82 -1.58
N TYR A 32 -1.18 -8.17 -1.49
CA TYR A 32 -2.08 -7.34 -0.72
C TYR A 32 -3.17 -8.21 -0.10
N GLU A 33 -3.84 -7.61 0.87
CA GLU A 33 -4.94 -8.24 1.59
C GLU A 33 -5.95 -7.15 1.93
N ASP A 34 -7.21 -7.38 1.58
CA ASP A 34 -8.27 -6.47 1.99
C ASP A 34 -8.67 -6.76 3.42
N LEU A 35 -8.35 -5.87 4.34
CA LEU A 35 -8.74 -5.98 5.73
C LEU A 35 -10.21 -5.62 5.92
N THR A 36 -10.64 -4.57 5.22
CA THR A 36 -12.03 -4.17 5.14
C THR A 36 -12.33 -3.87 3.69
N GLU A 37 -13.43 -4.38 3.18
CA GLU A 37 -13.86 -4.09 1.82
CA GLU A 37 -13.91 -4.10 1.83
C GLU A 37 -14.74 -2.84 1.85
N GLY A 38 -14.38 -1.83 1.06
CA GLY A 38 -15.20 -0.63 1.07
C GLY A 38 -16.53 -0.83 0.40
N SER A 39 -17.46 0.03 0.78
CA SER A 39 -18.80 0.04 0.22
C SER A 39 -18.98 1.10 -0.87
N GLY A 40 -18.04 2.02 -1.01
CA GLY A 40 -18.16 3.14 -1.90
C GLY A 40 -17.58 2.92 -3.27
N ALA A 41 -17.26 4.01 -3.94
CA ALA A 41 -16.80 3.97 -5.31
C ALA A 41 -15.41 3.32 -5.44
N GLU A 42 -15.16 2.75 -6.59
CA GLU A 42 -13.90 2.05 -6.87
C GLU A 42 -12.80 3.01 -7.31
N ALA A 43 -11.60 2.79 -6.79
CA ALA A 43 -10.40 3.52 -7.20
C ALA A 43 -9.91 3.00 -8.55
N ARG A 44 -9.74 3.92 -9.48
CA ARG A 44 -9.36 3.63 -10.86
C ARG A 44 -8.22 4.57 -11.26
N ALA A 45 -7.35 4.08 -12.12
CA ALA A 45 -6.27 4.90 -12.64
C ALA A 45 -6.83 6.17 -13.25
N GLY A 46 -6.17 7.29 -12.95
CA GLY A 46 -6.51 8.60 -13.44
C GLY A 46 -7.24 9.47 -12.44
N GLN A 47 -7.88 8.85 -11.44
CA GLN A 47 -8.56 9.61 -10.41
C GLN A 47 -7.54 10.21 -9.46
N THR A 48 -7.85 11.40 -8.91
CA THR A 48 -7.15 11.89 -7.73
C THR A 48 -7.84 11.29 -6.51
N VAL A 49 -7.17 10.31 -5.90
CA VAL A 49 -7.69 9.62 -4.74
C VAL A 49 -7.09 10.23 -3.50
N SER A 50 -7.78 10.06 -2.38
CA SER A 50 -7.29 10.53 -1.10
CA SER A 50 -7.33 10.51 -1.06
C SER A 50 -7.30 9.34 -0.13
N VAL A 51 -6.20 9.19 0.60
CA VAL A 51 -6.01 8.09 1.51
C VAL A 51 -5.47 8.57 2.84
N HIS A 52 -5.72 7.73 3.87
CA HIS A 52 -4.90 7.75 5.07
C HIS A 52 -4.05 6.47 5.07
N TYR A 53 -2.84 6.58 5.60
CA TYR A 53 -1.97 5.42 5.57
C TYR A 53 -0.97 5.47 6.70
N THR A 54 -0.42 4.28 6.98
CA THR A 54 0.79 4.12 7.78
C THR A 54 1.68 3.12 7.05
N GLY A 55 2.99 3.37 7.09
CA GLY A 55 3.97 2.43 6.55
C GLY A 55 4.97 2.01 7.65
N TRP A 56 5.29 0.72 7.60
CA TRP A 56 6.26 0.10 8.51
C TRP A 56 7.27 -0.72 7.73
N LEU A 57 8.48 -0.78 8.28
CA LEU A 57 9.45 -1.78 7.85
C LEU A 57 9.04 -3.14 8.42
N THR A 58 9.71 -4.20 7.94
CA THR A 58 9.33 -5.55 8.36
C THR A 58 9.79 -5.90 9.78
N ASP A 59 10.54 -5.04 10.43
CA ASP A 59 10.89 -5.13 11.84
CA ASP A 59 10.82 -5.17 11.84
C ASP A 59 9.84 -4.41 12.70
N GLY A 60 8.79 -3.86 12.09
CA GLY A 60 7.77 -3.14 12.83
C GLY A 60 7.99 -1.66 12.98
N GLN A 61 9.11 -1.13 12.51
CA GLN A 61 9.38 0.28 12.69
CA GLN A 61 9.35 0.29 12.71
C GLN A 61 8.51 1.12 11.75
N LYS A 62 7.69 2.00 12.31
CA LYS A 62 6.92 2.95 11.52
C LYS A 62 7.86 3.95 10.87
N PHE A 63 7.65 4.22 9.58
CA PHE A 63 8.45 5.21 8.89
C PHE A 63 7.66 6.36 8.32
N ASP A 64 6.34 6.27 8.20
CA ASP A 64 5.53 7.40 7.68
CA ASP A 64 5.58 7.35 7.60
C ASP A 64 4.11 7.12 8.02
N SER A 65 3.35 8.20 8.26
CA SER A 65 1.94 8.08 8.56
C SER A 65 1.23 9.39 8.33
N SER A 66 0.23 9.38 7.47
CA SER A 66 -0.61 10.57 7.30
C SER A 66 -1.48 10.82 8.52
N LYS A 67 -1.84 9.75 9.21
CA LYS A 67 -2.64 9.85 10.40
CA LYS A 67 -2.67 9.87 10.38
C LYS A 67 -1.99 10.71 11.45
N ASP A 68 -0.69 10.52 11.63
CA ASP A 68 0.07 11.25 12.59
C ASP A 68 0.21 12.73 12.21
N ARG A 69 0.14 13.10 10.93
CA ARG A 69 0.10 14.49 10.44
C ARG A 69 -1.32 15.07 10.45
N ASN A 70 -2.28 14.20 10.74
CA ASN A 70 -3.69 14.53 10.69
CA ASN A 70 -3.68 14.61 10.70
C ASN A 70 -4.08 15.24 9.37
N ASP A 71 -3.60 14.67 8.27
CA ASP A 71 -3.91 15.25 6.96
C ASP A 71 -3.90 14.16 5.94
N PRO A 72 -4.97 13.90 5.25
CA PRO A 72 -5.02 12.88 4.20
CA PRO A 72 -4.95 12.86 4.26
C PRO A 72 -4.05 13.22 3.08
N PHE A 73 -3.69 12.20 2.30
CA PHE A 73 -2.79 12.34 1.17
C PHE A 73 -3.53 12.06 -0.13
N ALA A 74 -3.45 13.01 -1.05
CA ALA A 74 -4.11 12.93 -2.33
C ALA A 74 -3.10 12.79 -3.47
N PHE A 75 -3.37 11.90 -4.41
CA PHE A 75 -2.48 11.71 -5.54
C PHE A 75 -3.26 11.15 -6.72
N VAL A 76 -2.69 11.36 -7.92
CA VAL A 76 -3.26 10.83 -9.14
C VAL A 76 -2.91 9.36 -9.25
N LEU A 77 -3.91 8.50 -9.07
CA LEU A 77 -3.68 7.05 -9.06
C LEU A 77 -3.20 6.59 -10.42
N GLY A 78 -2.11 5.83 -10.46
CA GLY A 78 -1.53 5.39 -11.69
C GLY A 78 -0.64 6.41 -12.38
N GLY A 79 -0.47 7.58 -11.77
CA GLY A 79 0.22 8.69 -12.39
C GLY A 79 1.71 8.74 -12.19
N GLY A 80 2.33 7.76 -11.53
CA GLY A 80 3.74 7.80 -11.33
C GLY A 80 4.23 8.77 -10.30
N MET A 81 3.37 9.18 -9.37
CA MET A 81 3.68 10.19 -8.37
C MET A 81 3.99 9.60 -6.99
N VAL A 82 3.99 8.28 -6.93
CA VAL A 82 4.27 7.50 -5.71
C VAL A 82 5.01 6.25 -6.18
N ILE A 83 5.52 5.48 -5.21
CA ILE A 83 6.14 4.20 -5.52
C ILE A 83 5.18 3.28 -6.28
N LYS A 84 5.80 2.41 -7.10
CA LYS A 84 5.05 1.54 -7.96
C LYS A 84 4.03 0.69 -7.23
N GLY A 85 4.39 0.17 -6.05
CA GLY A 85 3.48 -0.69 -5.34
C GLY A 85 2.21 0.01 -4.90
N TRP A 86 2.28 1.33 -4.67
CA TRP A 86 1.07 2.11 -4.39
C TRP A 86 0.20 2.31 -5.62
N ASP A 87 0.83 2.71 -6.74
CA ASP A 87 0.05 2.92 -7.96
C ASP A 87 -0.69 1.64 -8.35
N GLU A 88 -0.06 0.49 -8.15
CA GLU A 88 -0.69 -0.78 -8.46
C GLU A 88 -1.70 -1.17 -7.37
N GLY A 89 -1.28 -1.08 -6.12
CA GLY A 89 -2.02 -1.67 -5.02
C GLY A 89 -3.26 -0.92 -4.58
N VAL A 90 -3.36 0.38 -4.83
CA VAL A 90 -4.55 1.13 -4.46
C VAL A 90 -5.68 0.91 -5.48
N GLN A 91 -5.33 0.61 -6.74
CA GLN A 91 -6.34 0.34 -7.72
C GLN A 91 -7.22 -0.83 -7.25
N GLY A 92 -8.52 -0.66 -7.42
CA GLY A 92 -9.48 -1.70 -7.07
C GLY A 92 -10.01 -1.63 -5.66
N MET A 93 -9.39 -0.84 -4.79
CA MET A 93 -10.00 -0.52 -3.52
C MET A 93 -11.33 0.22 -3.75
N LYS A 94 -12.21 0.16 -2.79
CA LYS A 94 -13.46 0.94 -2.78
CA LYS A 94 -13.41 0.96 -2.79
C LYS A 94 -13.42 1.86 -1.58
N VAL A 95 -14.09 3.04 -1.70
CA VAL A 95 -14.08 3.99 -0.63
C VAL A 95 -14.63 3.36 0.65
N GLY A 96 -13.91 3.58 1.74
CA GLY A 96 -14.17 2.95 3.01
C GLY A 96 -13.31 1.71 3.27
N GLY A 97 -12.63 1.24 2.24
CA GLY A 97 -11.79 0.05 2.36
C GLY A 97 -10.48 0.33 3.02
N VAL A 98 -9.95 -0.73 3.65
CA VAL A 98 -8.62 -0.75 4.22
C VAL A 98 -7.89 -1.95 3.61
N ARG A 99 -6.75 -1.69 2.99
CA ARG A 99 -5.96 -2.71 2.32
C ARG A 99 -4.54 -2.67 2.88
N ARG A 100 -4.01 -3.86 3.17
CA ARG A 100 -2.62 -4.02 3.61
CA ARG A 100 -2.61 -3.96 3.59
C ARG A 100 -1.78 -4.39 2.39
N LEU A 101 -0.80 -3.55 2.06
CA LEU A 101 0.09 -3.76 0.95
C LEU A 101 1.44 -4.25 1.50
N THR A 102 1.97 -5.31 0.86
CA THR A 102 3.32 -5.81 1.20
C THR A 102 4.12 -5.66 -0.08
N ILE A 103 5.01 -4.65 -0.06
CA ILE A 103 5.62 -4.13 -1.28
C ILE A 103 7.10 -4.54 -1.30
N PRO A 104 7.50 -5.38 -2.27
CA PRO A 104 8.90 -5.77 -2.36
CA PRO A 104 8.93 -5.73 -2.36
C PRO A 104 9.71 -4.55 -2.84
N PRO A 105 11.02 -4.53 -2.58
CA PRO A 105 11.78 -3.30 -2.80
C PRO A 105 11.80 -2.83 -4.25
N GLN A 106 11.72 -3.72 -5.24
CA GLN A 106 11.68 -3.24 -6.62
C GLN A 106 10.41 -2.46 -6.95
N LEU A 107 9.39 -2.55 -6.12
CA LEU A 107 8.17 -1.76 -6.26
C LEU A 107 8.10 -0.64 -5.19
N GLY A 108 9.20 -0.46 -4.47
CA GLY A 108 9.36 0.53 -3.44
C GLY A 108 10.54 1.43 -3.79
N TYR A 109 11.55 1.46 -2.92
CA TYR A 109 12.73 2.32 -3.06
CA TYR A 109 12.68 2.34 -3.04
C TYR A 109 13.98 1.59 -3.47
N GLY A 110 13.88 0.31 -3.80
CA GLY A 110 14.97 -0.38 -4.43
C GLY A 110 16.23 -0.39 -3.59
N ALA A 111 17.36 -0.38 -4.26
CA ALA A 111 18.66 -0.40 -3.60
C ALA A 111 18.98 0.93 -2.93
N ARG A 112 18.31 2.01 -3.30
CA ARG A 112 18.63 3.33 -2.76
C ARG A 112 18.14 3.51 -1.35
N GLY A 113 16.95 2.99 -1.05
CA GLY A 113 16.25 3.41 0.12
C GLY A 113 15.77 4.85 0.00
N ALA A 114 15.35 5.44 1.12
CA ALA A 114 14.74 6.78 1.07
C ALA A 114 14.69 7.45 2.41
N GLY A 115 14.89 8.76 2.38
CA GLY A 115 14.53 9.60 3.50
C GLY A 115 15.34 9.44 4.76
N GLY A 116 16.45 8.68 4.70
CA GLY A 116 17.20 8.29 5.88
C GLY A 116 16.48 7.31 6.79
N VAL A 117 15.34 6.82 6.35
CA VAL A 117 14.48 5.98 7.20
C VAL A 117 14.10 4.66 6.55
N ILE A 118 14.20 4.55 5.23
CA ILE A 118 13.97 3.26 4.59
CA ILE A 118 13.99 3.28 4.52
C ILE A 118 15.35 2.77 4.10
N PRO A 119 15.83 1.64 4.58
CA PRO A 119 17.12 1.12 4.14
C PRO A 119 17.07 0.62 2.70
N PRO A 120 18.24 0.37 2.11
CA PRO A 120 18.31 -0.36 0.86
C PRO A 120 17.57 -1.70 0.93
N ASN A 121 16.92 -2.05 -0.17
CA ASN A 121 16.35 -3.39 -0.40
C ASN A 121 15.28 -3.74 0.65
N ALA A 122 14.54 -2.74 1.09
CA ALA A 122 13.51 -2.91 2.10
C ALA A 122 12.17 -3.31 1.51
N THR A 123 11.56 -4.34 2.09
CA THR A 123 10.14 -4.58 1.89
C THR A 123 9.37 -3.62 2.78
N LEU A 124 8.26 -3.08 2.22
CA LEU A 124 7.46 -2.08 2.93
C LEU A 124 6.07 -2.65 3.18
N VAL A 125 5.56 -2.43 4.38
CA VAL A 125 4.19 -2.82 4.71
C VAL A 125 3.40 -1.54 4.93
N PHE A 126 2.28 -1.42 4.21
CA PHE A 126 1.39 -0.26 4.41
C PHE A 126 -0.01 -0.76 4.73
N GLU A 127 -0.71 0.00 5.57
CA GLU A 127 -2.16 -0.10 5.63
CA GLU A 127 -2.14 -0.08 5.69
C GLU A 127 -2.69 1.21 5.10
N VAL A 128 -3.57 1.09 4.10
CA VAL A 128 -4.10 2.23 3.36
C VAL A 128 -5.61 2.20 3.48
N GLU A 129 -6.20 3.34 3.88
CA GLU A 129 -7.65 3.51 3.93
C GLU A 129 -8.02 4.46 2.80
N LEU A 130 -8.90 4.03 1.91
CA LEU A 130 -9.35 4.86 0.78
C LEU A 130 -10.50 5.76 1.24
N LEU A 131 -10.29 7.07 1.14
CA LEU A 131 -11.22 8.05 1.69
C LEU A 131 -12.13 8.71 0.64
N ASP A 132 -11.64 8.83 -0.59
CA ASP A 132 -12.33 9.57 -1.66
C ASP A 132 -11.67 9.18 -2.97
N VAL A 133 -12.45 9.22 -4.04
CA VAL A 133 -11.96 9.03 -5.40
C VAL A 133 -12.51 10.11 -6.33
S SO4 B . -10.08 16.38 13.19
S SO4 B . -9.93 16.44 13.12
O1 SO4 B . -8.66 16.29 12.88
O1 SO4 B . -9.38 15.13 12.71
O2 SO4 B . -10.61 15.04 13.34
O2 SO4 B . -10.89 16.25 14.20
O3 SO4 B . -10.28 17.12 14.44
O3 SO4 B . -8.86 17.31 13.55
O4 SO4 B . -10.75 17.06 12.08
O4 SO4 B . -10.62 17.04 11.98
S SO4 C . -17.82 2.77 -9.67
O1 SO4 C . -16.72 3.22 -10.53
O2 SO4 C . -18.51 1.64 -10.29
O3 SO4 C . -17.37 2.43 -8.41
O4 SO4 C . -18.84 3.84 -9.55
C1 GOL D . -10.37 14.39 9.12
O1 GOL D . -11.52 13.57 9.32
C2 GOL D . -9.11 13.57 9.20
O2 GOL D . -9.05 12.50 8.32
C3 GOL D . -7.96 14.51 8.88
O3 GOL D . -6.79 13.77 8.94
H11 GOL D . -10.35 15.18 9.87
H12 GOL D . -10.43 14.86 8.14
H2 GOL D . -9.00 13.21 10.22
H31 GOL D . -7.92 15.31 9.62
H32 GOL D . -8.09 14.94 7.90
C1 GOL E . 1.65 -2.59 13.15
C1 GOL E . 1.79 -2.65 13.22
O1 GOL E . 1.89 -3.55 14.15
O1 GOL E . 0.46 -2.38 13.62
C2 GOL E . 1.74 -3.22 11.76
C2 GOL E . 1.79 -3.20 11.80
O2 GOL E . 0.86 -4.33 11.66
O2 GOL E . 0.90 -4.28 11.66
C3 GOL E . 3.19 -3.61 11.48
C3 GOL E . 3.22 -3.62 11.45
O3 GOL E . 3.28 -4.32 10.27
O3 GOL E . 3.20 -4.53 10.35
H11 GOL E . 2.39 -1.78 13.22
H11 GOL E . 2.23 -3.38 13.90
H12 GOL E . 0.66 -2.15 13.28
H12 GOL E . 2.37 -1.74 13.27
HO1 GOL E . 2.71 -3.31 14.64
HO1 GOL E . 0.02 -1.83 12.95
H2 GOL E . 1.45 -2.47 11.03
H2 GOL E . 1.51 -2.40 11.12
HO2 GOL E . 1.09 -4.99 12.33
HO2 GOL E . 1.15 -5.00 12.29
H31 GOL E . 3.56 -4.24 12.30
H31 GOL E . 3.69 -4.11 12.31
H32 GOL E . 3.81 -2.72 11.43
H32 GOL E . 3.81 -2.75 11.19
HO3 GOL E . 4.21 -4.50 10.06
HO3 GOL E . 4.11 -4.74 10.09
CL CL F . 5.26 -11.68 2.07
#